data_4P6K
# 
_entry.id   4P6K 
# 
_audit_conform.dict_name       mmcif_pdbx.dic 
_audit_conform.dict_version    5.388 
_audit_conform.dict_location   http://mmcif.pdb.org/dictionaries/ascii/mmcif_pdbx.dic 
# 
loop_
_database_2.database_id 
_database_2.database_code 
_database_2.pdbx_database_accession 
_database_2.pdbx_DOI 
PDB   4P6K         pdb_00004p6k 10.2210/pdb4p6k/pdb 
WWPDB D_1000200197 ?            ?                   
# 
loop_
_pdbx_audit_revision_history.ordinal 
_pdbx_audit_revision_history.data_content_type 
_pdbx_audit_revision_history.major_revision 
_pdbx_audit_revision_history.minor_revision 
_pdbx_audit_revision_history.revision_date 
1 'Structure model' 1 0 2014-12-24 
2 'Structure model' 1 1 2014-12-31 
3 'Structure model' 1 2 2015-01-14 
4 'Structure model' 1 3 2017-09-20 
5 'Structure model' 1 4 2017-11-01 
6 'Structure model' 1 5 2019-12-11 
7 'Structure model' 1 6 2023-12-27 
8 'Structure model' 1 7 2024-03-27 
# 
_pdbx_audit_revision_details.ordinal             1 
_pdbx_audit_revision_details.revision_ordinal    1 
_pdbx_audit_revision_details.data_content_type   'Structure model' 
_pdbx_audit_revision_details.provider            repository 
_pdbx_audit_revision_details.type                'Initial release' 
_pdbx_audit_revision_details.description         ? 
_pdbx_audit_revision_details.details             ? 
# 
loop_
_pdbx_audit_revision_group.ordinal 
_pdbx_audit_revision_group.revision_ordinal 
_pdbx_audit_revision_group.data_content_type 
_pdbx_audit_revision_group.group 
1  2 'Structure model' 'Database references'        
2  3 'Structure model' 'Database references'        
3  4 'Structure model' Advisory                     
4  4 'Structure model' 'Author supporting evidence' 
5  4 'Structure model' 'Database references'        
6  4 'Structure model' 'Derived calculations'       
7  4 'Structure model' 'Source and taxonomy'        
8  5 'Structure model' 'Author supporting evidence' 
9  6 'Structure model' 'Author supporting evidence' 
10 7 'Structure model' Advisory                     
11 7 'Structure model' 'Data collection'            
12 7 'Structure model' 'Database references'        
13 8 'Structure model' 'Refinement description'     
# 
loop_
_pdbx_audit_revision_category.ordinal 
_pdbx_audit_revision_category.revision_ordinal 
_pdbx_audit_revision_category.data_content_type 
_pdbx_audit_revision_category.category 
1  4 'Structure model' citation                           
2  4 'Structure model' pdbx_audit_support                 
3  4 'Structure model' pdbx_entity_src_syn                
4  4 'Structure model' pdbx_struct_oper_list              
5  4 'Structure model' pdbx_unobs_or_zero_occ_atoms       
6  5 'Structure model' pdbx_struct_assembly_auth_evidence 
7  6 'Structure model' pdbx_audit_support                 
8  7 'Structure model' chem_comp_atom                     
9  7 'Structure model' chem_comp_bond                     
10 7 'Structure model' database_2                         
11 7 'Structure model' pdbx_unobs_or_zero_occ_atoms       
12 8 'Structure model' pdbx_initial_refinement_model      
# 
loop_
_pdbx_audit_revision_item.ordinal 
_pdbx_audit_revision_item.revision_ordinal 
_pdbx_audit_revision_item.data_content_type 
_pdbx_audit_revision_item.item 
1 4 'Structure model' '_citation.journal_id_CSD'                  
2 4 'Structure model' '_pdbx_audit_support.funding_organization'  
3 4 'Structure model' '_pdbx_entity_src_syn.pdbx_alt_source_flag' 
4 4 'Structure model' '_pdbx_struct_oper_list.symmetry_operation' 
5 6 'Structure model' '_pdbx_audit_support.funding_organization'  
6 7 'Structure model' '_database_2.pdbx_DOI'                      
7 7 'Structure model' '_database_2.pdbx_database_accession'       
# 
_pdbx_database_status.status_code                     REL 
_pdbx_database_status.status_code_sf                  REL 
_pdbx_database_status.status_code_mr                  . 
_pdbx_database_status.entry_id                        4P6K 
_pdbx_database_status.recvd_initial_deposition_date   2014-03-25 
_pdbx_database_status.SG_entry                        N 
_pdbx_database_status.deposit_site                    RCSB 
_pdbx_database_status.process_site                    RCSB 
_pdbx_database_status.status_code_cs                  . 
_pdbx_database_status.methods_development_category    . 
_pdbx_database_status.pdb_format_compatible           Y 
_pdbx_database_status.status_code_nmr_data            ? 
# 
loop_
_pdbx_database_related.content_type 
_pdbx_database_related.db_id 
_pdbx_database_related.db_name 
_pdbx_database_related.details 
unspecified 4P6J PDB . 
unspecified 4P6L PDB . 
# 
loop_
_audit_author.name 
_audit_author.pdbx_ordinal 
'Joh, N.H.'     1 
'Acharya, R.'   2 
'DeGrado, W.F.' 3 
# 
_citation.abstract                  . 
_citation.abstract_id_CAS           . 
_citation.book_id_ISBN              . 
_citation.book_publisher            ? 
_citation.book_publisher_city       . 
_citation.book_title                . 
_citation.coordinate_linkage        . 
_citation.country                   US 
_citation.database_id_Medline       . 
_citation.details                   . 
_citation.id                        primary 
_citation.journal_abbrev            Science 
_citation.journal_id_ASTM           SCIEAS 
_citation.journal_id_CSD            0038 
_citation.journal_id_ISSN           1095-9203 
_citation.journal_full              . 
_citation.journal_issue             . 
_citation.journal_volume            346 
_citation.language                  . 
_citation.page_first                1520 
_citation.page_last                 1524 
_citation.title                     'De novo design of a transmembrane Zn2+-transporting four-helix bundle.' 
_citation.year                      2014 
_citation.database_id_CSD           . 
_citation.pdbx_database_id_DOI      10.1126/science.1261172 
_citation.pdbx_database_id_PubMed   25525248 
_citation.unpublished_flag          . 
# 
loop_
_citation_author.citation_id 
_citation_author.name 
_citation_author.ordinal 
_citation_author.identifier_ORCID 
primary 'Joh, N.H.'     1 ? 
primary 'Wang, T.'      2 ? 
primary 'Bhate, M.P.'   3 ? 
primary 'Acharya, R.'   4 ? 
primary 'Wu, Y.'        5 ? 
primary 'Grabe, M.'     6 ? 
primary 'Hong, M.'      7 ? 
primary 'Grigoryan, G.' 8 ? 
primary 'DeGrado, W.F.' 9 ? 
# 
_entity.id                         1 
_entity.type                       polymer 
_entity.src_method                 syn 
_entity.pdbx_description           'Computationally Designed Transporter of Zn(II) and Proton' 
_entity.formula_weight             3016.332 
_entity.pdbx_number_of_molecules   1 
_entity.pdbx_ec                    ? 
_entity.pdbx_mutation              ? 
_entity.pdbx_fragment              ? 
_entity.details                    ? 
# 
_entity_poly.entity_id                      1 
_entity_poly.type                           'polypeptide(L)' 
_entity_poly.nstd_linkage                   no 
_entity_poly.nstd_monomer                   yes 
_entity_poly.pdbx_seq_one_letter_code       'Y(4BF)KEIAHALFSALFALSELYIAVRY(NH2)' 
_entity_poly.pdbx_seq_one_letter_code_can   YYKEIAHALFSALFALSELYIAVRYX 
_entity_poly.pdbx_strand_id                 A 
_entity_poly.pdbx_target_identifier         ? 
# 
loop_
_entity_poly_seq.entity_id 
_entity_poly_seq.num 
_entity_poly_seq.mon_id 
_entity_poly_seq.hetero 
1 1  TYR n 
1 2  4BF n 
1 3  LYS n 
1 4  GLU n 
1 5  ILE n 
1 6  ALA n 
1 7  HIS n 
1 8  ALA n 
1 9  LEU n 
1 10 PHE n 
1 11 SER n 
1 12 ALA n 
1 13 LEU n 
1 14 PHE n 
1 15 ALA n 
1 16 LEU n 
1 17 SER n 
1 18 GLU n 
1 19 LEU n 
1 20 TYR n 
1 21 ILE n 
1 22 ALA n 
1 23 VAL n 
1 24 ARG n 
1 25 TYR n 
1 26 NH2 n 
# 
_pdbx_entity_src_syn.entity_id              1 
_pdbx_entity_src_syn.pdbx_src_id            1 
_pdbx_entity_src_syn.pdbx_alt_source_flag   sample 
_pdbx_entity_src_syn.pdbx_beg_seq_num       1 
_pdbx_entity_src_syn.pdbx_end_seq_num       26 
_pdbx_entity_src_syn.organism_scientific    'synthetic construct' 
_pdbx_entity_src_syn.organism_common_name   ? 
_pdbx_entity_src_syn.ncbi_taxonomy_id       32630 
_pdbx_entity_src_syn.details                ? 
# 
loop_
_chem_comp.id 
_chem_comp.type 
_chem_comp.mon_nstd_flag 
_chem_comp.name 
_chem_comp.pdbx_synonyms 
_chem_comp.formula 
_chem_comp.formula_weight 
4BF 'L-peptide linking' n 4-BROMO-L-PHENYLALANINE P-BROMO-L-PHENYLALANINE 'C9 H10 Br N O2' 244.085 
ALA 'L-peptide linking' y ALANINE                 ?                       'C3 H7 N O2'     89.093  
ARG 'L-peptide linking' y ARGININE                ?                       'C6 H15 N4 O2 1' 175.209 
GLU 'L-peptide linking' y 'GLUTAMIC ACID'         ?                       'C5 H9 N O4'     147.129 
HIS 'L-peptide linking' y HISTIDINE               ?                       'C6 H10 N3 O2 1' 156.162 
ILE 'L-peptide linking' y ISOLEUCINE              ?                       'C6 H13 N O2'    131.173 
LEU 'L-peptide linking' y LEUCINE                 ?                       'C6 H13 N O2'    131.173 
LYS 'L-peptide linking' y LYSINE                  ?                       'C6 H15 N2 O2 1' 147.195 
NH2 non-polymer         . 'AMINO GROUP'           ?                       'H2 N'           16.023  
PHE 'L-peptide linking' y PHENYLALANINE           ?                       'C9 H11 N O2'    165.189 
SER 'L-peptide linking' y SERINE                  ?                       'C3 H7 N O3'     105.093 
TYR 'L-peptide linking' y TYROSINE                ?                       'C9 H11 N O3'    181.189 
VAL 'L-peptide linking' y VALINE                  ?                       'C5 H11 N O2'    117.146 
# 
loop_
_pdbx_poly_seq_scheme.asym_id 
_pdbx_poly_seq_scheme.entity_id 
_pdbx_poly_seq_scheme.seq_id 
_pdbx_poly_seq_scheme.mon_id 
_pdbx_poly_seq_scheme.ndb_seq_num 
_pdbx_poly_seq_scheme.pdb_seq_num 
_pdbx_poly_seq_scheme.auth_seq_num 
_pdbx_poly_seq_scheme.pdb_mon_id 
_pdbx_poly_seq_scheme.auth_mon_id 
_pdbx_poly_seq_scheme.pdb_strand_id 
_pdbx_poly_seq_scheme.pdb_ins_code 
_pdbx_poly_seq_scheme.hetero 
A 1 1  TYR 1  1  1  TYR TYR A . n 
A 1 2  4BF 2  2  2  4BF 4BF A . n 
A 1 3  LYS 3  3  3  LYS LYS A . n 
A 1 4  GLU 4  4  4  GLU GLU A . n 
A 1 5  ILE 5  5  5  ILE ILE A . n 
A 1 6  ALA 6  6  6  ALA ALA A . n 
A 1 7  HIS 7  7  7  HIS HIS A . n 
A 1 8  ALA 8  8  8  ALA ALA A . n 
A 1 9  LEU 9  9  9  LEU LEU A . n 
A 1 10 PHE 10 10 10 PHE PHE A . n 
A 1 11 SER 11 11 11 SER SER A . n 
A 1 12 ALA 12 12 12 ALA ALA A . n 
A 1 13 LEU 13 13 13 LEU LEU A . n 
A 1 14 PHE 14 14 14 PHE PHE A . n 
A 1 15 ALA 15 15 15 ALA ALA A . n 
A 1 16 LEU 16 16 16 LEU LEU A . n 
A 1 17 SER 17 17 17 SER SER A . n 
A 1 18 GLU 18 18 18 GLU GLU A . n 
A 1 19 LEU 19 19 19 LEU LEU A . n 
A 1 20 TYR 20 20 20 TYR TYR A . n 
A 1 21 ILE 21 21 21 ILE ILE A . n 
A 1 22 ALA 22 22 22 ALA ALA A . n 
A 1 23 VAL 23 23 23 VAL VAL A . n 
A 1 24 ARG 24 24 24 ARG ARG A . n 
A 1 25 TYR 25 25 25 TYR TYR A . n 
A 1 26 NH2 26 26 26 NH2 NH2 A . n 
# 
_pdbx_unobs_or_zero_occ_atoms.id               1 
_pdbx_unobs_or_zero_occ_atoms.PDB_model_num    1 
_pdbx_unobs_or_zero_occ_atoms.polymer_flag     Y 
_pdbx_unobs_or_zero_occ_atoms.occupancy_flag   0 
_pdbx_unobs_or_zero_occ_atoms.auth_asym_id     A 
_pdbx_unobs_or_zero_occ_atoms.auth_comp_id     4BF 
_pdbx_unobs_or_zero_occ_atoms.auth_seq_id      2 
_pdbx_unobs_or_zero_occ_atoms.PDB_ins_code     ? 
_pdbx_unobs_or_zero_occ_atoms.auth_atom_id     BR 
_pdbx_unobs_or_zero_occ_atoms.label_alt_id     ? 
_pdbx_unobs_or_zero_occ_atoms.label_asym_id    A 
_pdbx_unobs_or_zero_occ_atoms.label_comp_id    4BF 
_pdbx_unobs_or_zero_occ_atoms.label_seq_id     2 
_pdbx_unobs_or_zero_occ_atoms.label_atom_id    BR 
# 
_software.citation_id            ? 
_software.classification         refinement 
_software.compiler_name          . 
_software.compiler_version       . 
_software.contact_author         . 
_software.contact_author_email   . 
_software.date                   . 
_software.description            . 
_software.dependencies           . 
_software.hardware               . 
_software.language               . 
_software.location               . 
_software.mods                   . 
_software.name                   PHENIX 
_software.os                     . 
_software.os_version             . 
_software.type                   . 
_software.version                '(phenix.refine: 1.8.4_1496)' 
_software.pdbx_ordinal           1 
# 
_cell.entry_id           4P6K 
_cell.length_a           46.870 
_cell.length_b           46.870 
_cell.length_c           60.603 
_cell.angle_alpha        90.00 
_cell.angle_beta         90.00 
_cell.angle_gamma        90.00 
_cell.Z_PDB              16 
_cell.pdbx_unique_axis   ? 
# 
_symmetry.entry_id                         4P6K 
_symmetry.cell_setting                     . 
_symmetry.Int_Tables_number                98 
_symmetry.space_group_name_Hall            . 
_symmetry.space_group_name_H-M             'I 41 2 2' 
_symmetry.pdbx_full_space_group_name_H-M   . 
# 
_exptl.absorpt_coefficient_mu     . 
_exptl.absorpt_correction_T_max   . 
_exptl.absorpt_correction_T_min   . 
_exptl.absorpt_correction_type    . 
_exptl.absorpt_process_details    . 
_exptl.entry_id                   4P6K 
_exptl.crystals_number            . 
_exptl.details                    . 
_exptl.method                     'X-RAY DIFFRACTION' 
_exptl.method_details             . 
# 
_exptl_crystal.colour                      . 
_exptl_crystal.density_diffrn              . 
_exptl_crystal.density_Matthews            2.76 
_exptl_crystal.density_method              . 
_exptl_crystal.density_percent_sol         55.41 
_exptl_crystal.description                 . 
_exptl_crystal.F_000                       . 
_exptl_crystal.id                          1 
_exptl_crystal.preparation                 . 
_exptl_crystal.size_max                    . 
_exptl_crystal.size_mid                    . 
_exptl_crystal.size_min                    . 
_exptl_crystal.size_rad                    . 
_exptl_crystal.colour_lustre               . 
_exptl_crystal.colour_modifier             . 
_exptl_crystal.colour_primary              . 
_exptl_crystal.density_meas                . 
_exptl_crystal.density_meas_esd            . 
_exptl_crystal.density_meas_gt             . 
_exptl_crystal.density_meas_lt             . 
_exptl_crystal.density_meas_temp           . 
_exptl_crystal.density_meas_temp_esd       . 
_exptl_crystal.density_meas_temp_gt        . 
_exptl_crystal.density_meas_temp_lt        . 
_exptl_crystal.pdbx_crystal_image_url      . 
_exptl_crystal.pdbx_crystal_image_format   . 
_exptl_crystal.pdbx_mosaicity              . 
_exptl_crystal.pdbx_mosaicity_esd          . 
# 
_exptl_crystal_grow.apparatus       . 
_exptl_crystal_grow.atmosphere      . 
_exptl_crystal_grow.crystal_id      1 
_exptl_crystal_grow.details         . 
_exptl_crystal_grow.method          'LIPIDIC CUBIC PHASE' 
_exptl_crystal_grow.method_ref      . 
_exptl_crystal_grow.pH              . 
_exptl_crystal_grow.pressure        . 
_exptl_crystal_grow.pressure_esd    . 
_exptl_crystal_grow.seeding         . 
_exptl_crystal_grow.seeding_ref     . 
_exptl_crystal_grow.temp            298 
_exptl_crystal_grow.temp_details    . 
_exptl_crystal_grow.temp_esd        . 
_exptl_crystal_grow.time            . 
_exptl_crystal_grow.pdbx_details    
;100 nl boluses containing monoolein-bound Rocker Br-Phe2 (4 mM peptide, 60% (vol) monoolein, 6 mM ZnSO4) immersed in 1 ?l of precipitation buffer (0.05 M Li2SO4, 0.1 M tricine (pH 7.4), 7 % (w/v) PEG 3000) incubated in 0.1-mm-deep wells at room temperature over a month
;
_exptl_crystal_grow.pdbx_pH_range   . 
# 
_diffrn.ambient_environment    . 
_diffrn.ambient_temp           100 
_diffrn.ambient_temp_details   . 
_diffrn.ambient_temp_esd       . 
_diffrn.crystal_id             1 
_diffrn.crystal_support        . 
_diffrn.crystal_treatment      . 
_diffrn.details                . 
_diffrn.id                     1 
_diffrn.ambient_pressure       . 
_diffrn.ambient_pressure_esd   . 
_diffrn.ambient_pressure_gt    . 
_diffrn.ambient_pressure_lt    . 
_diffrn.ambient_temp_gt        . 
_diffrn.ambient_temp_lt        . 
# 
_diffrn_detector.details                      . 
_diffrn_detector.detector                     PIXEL 
_diffrn_detector.diffrn_id                    1 
_diffrn_detector.type                         'DECTRIS PILATUS 6M' 
_diffrn_detector.area_resol_mean              . 
_diffrn_detector.dtime                        . 
_diffrn_detector.pdbx_frames_total            . 
_diffrn_detector.pdbx_collection_time_total   . 
_diffrn_detector.pdbx_collection_date         2012-11-17 
# 
_diffrn_radiation.collimation                      . 
_diffrn_radiation.diffrn_id                        1 
_diffrn_radiation.filter_edge                      . 
_diffrn_radiation.inhomogeneity                    . 
_diffrn_radiation.monochromator                    . 
_diffrn_radiation.polarisn_norm                    . 
_diffrn_radiation.polarisn_ratio                   . 
_diffrn_radiation.probe                            . 
_diffrn_radiation.type                             . 
_diffrn_radiation.xray_symbol                      . 
_diffrn_radiation.wavelength_id                    1 
_diffrn_radiation.pdbx_monochromatic_or_laue_m_l   M 
_diffrn_radiation.pdbx_wavelength_list             . 
_diffrn_radiation.pdbx_wavelength                  . 
_diffrn_radiation.pdbx_diffrn_protocol             'SINGLE WAVELENGTH' 
_diffrn_radiation.pdbx_analyzer                    . 
_diffrn_radiation.pdbx_scattering_type             x-ray 
# 
_diffrn_radiation_wavelength.id           1 
_diffrn_radiation_wavelength.wavelength   0.91980 
_diffrn_radiation_wavelength.wt           1.0 
# 
_diffrn_source.current                     . 
_diffrn_source.details                     . 
_diffrn_source.diffrn_id                   1 
_diffrn_source.power                       . 
_diffrn_source.size                        . 
_diffrn_source.source                      SYNCHROTRON 
_diffrn_source.target                      . 
_diffrn_source.type                        'APS BEAMLINE 24-ID-C' 
_diffrn_source.voltage                     . 
_diffrn_source.take-off_angle              . 
_diffrn_source.pdbx_wavelength_list        0.91980 
_diffrn_source.pdbx_wavelength             . 
_diffrn_source.pdbx_synchrotron_beamline   24-ID-C 
_diffrn_source.pdbx_synchrotron_site       APS 
# 
_reflns.B_iso_Wilson_estimate            . 
_reflns.entry_id                         4P6K 
_reflns.data_reduction_details           . 
_reflns.data_reduction_method            . 
_reflns.d_resolution_high                2.7 
_reflns.d_resolution_low                 50 
_reflns.details                          . 
_reflns.limit_h_max                      . 
_reflns.limit_h_min                      . 
_reflns.limit_k_max                      . 
_reflns.limit_k_min                      . 
_reflns.limit_l_max                      . 
_reflns.limit_l_min                      . 
_reflns.number_all                       . 
_reflns.number_obs                       1601 
_reflns.observed_criterion               . 
_reflns.observed_criterion_F_max         . 
_reflns.observed_criterion_F_min         . 
_reflns.observed_criterion_I_max         . 
_reflns.observed_criterion_I_min         . 
_reflns.observed_criterion_sigma_F       . 
_reflns.observed_criterion_sigma_I       . 
_reflns.percent_possible_obs             89.4 
_reflns.R_free_details                   . 
_reflns.Rmerge_F_all                     . 
_reflns.Rmerge_F_obs                     . 
_reflns.Friedel_coverage                 . 
_reflns.number_gt                        . 
_reflns.threshold_expression             . 
_reflns.pdbx_redundancy                  10.8 
_reflns.pdbx_Rmerge_I_obs                . 
_reflns.pdbx_Rmerge_I_all                . 
_reflns.pdbx_Rsym_value                  . 
_reflns.pdbx_netI_over_av_sigmaI         . 
_reflns.pdbx_netI_over_sigmaI            2.0 
_reflns.pdbx_res_netI_over_av_sigmaI_2   . 
_reflns.pdbx_res_netI_over_sigmaI_2      . 
_reflns.pdbx_chi_squared                 . 
_reflns.pdbx_scaling_rejects             . 
_reflns.pdbx_d_res_high_opt              . 
_reflns.pdbx_d_res_low_opt               . 
_reflns.pdbx_d_res_opt_method            . 
_reflns.phase_calculation_details        . 
_reflns.pdbx_Rrim_I_all                  . 
_reflns.pdbx_Rpim_I_all                  . 
_reflns.pdbx_d_opt                       . 
_reflns.pdbx_number_measured_all         . 
_reflns.pdbx_diffrn_id                   1 
_reflns.pdbx_ordinal                     1 
# 
_refine.aniso_B[1][1]                            . 
_refine.aniso_B[1][2]                            . 
_refine.aniso_B[1][3]                            . 
_refine.aniso_B[2][2]                            . 
_refine.aniso_B[2][3]                            . 
_refine.aniso_B[3][3]                            . 
_refine.B_iso_max                                . 
_refine.B_iso_mean                               . 
_refine.B_iso_min                                . 
_refine.correlation_coeff_Fo_to_Fc               . 
_refine.correlation_coeff_Fo_to_Fc_free          . 
_refine.details                                  . 
_refine.diff_density_max                         . 
_refine.diff_density_max_esd                     . 
_refine.diff_density_min                         . 
_refine.diff_density_min_esd                     . 
_refine.diff_density_rms                         . 
_refine.diff_density_rms_esd                     . 
_refine.entry_id                                 4P6K 
_refine.pdbx_refine_id                           'X-RAY DIFFRACTION' 
_refine.ls_abs_structure_details                 . 
_refine.ls_abs_structure_Flack                   . 
_refine.ls_abs_structure_Flack_esd               . 
_refine.ls_abs_structure_Rogers                  . 
_refine.ls_abs_structure_Rogers_esd              . 
_refine.ls_d_res_high                            2.704 
_refine.ls_d_res_low                             37.076 
_refine.ls_extinction_coef                       . 
_refine.ls_extinction_coef_esd                   . 
_refine.ls_extinction_expression                 . 
_refine.ls_extinction_method                     . 
_refine.ls_goodness_of_fit_all                   . 
_refine.ls_goodness_of_fit_all_esd               . 
_refine.ls_goodness_of_fit_obs                   . 
_refine.ls_goodness_of_fit_obs_esd               . 
_refine.ls_hydrogen_treatment                    . 
_refine.ls_matrix_type                           . 
_refine.ls_number_constraints                    . 
_refine.ls_number_parameters                     . 
_refine.ls_number_reflns_all                     . 
_refine.ls_number_reflns_obs                     1601 
_refine.ls_number_reflns_R_free                  161 
_refine.ls_number_reflns_R_work                  . 
_refine.ls_number_restraints                     . 
_refine.ls_percent_reflns_obs                    89.64 
_refine.ls_percent_reflns_R_free                 10.06 
_refine.ls_R_factor_all                          . 
_refine.ls_R_factor_obs                          0.2960 
_refine.ls_R_factor_R_free                       0.3045 
_refine.ls_R_factor_R_free_error                 . 
_refine.ls_R_factor_R_free_error_details         . 
_refine.ls_R_factor_R_work                       0.2947 
_refine.ls_R_Fsqd_factor_obs                     . 
_refine.ls_R_I_factor_obs                        . 
_refine.ls_redundancy_reflns_all                 . 
_refine.ls_redundancy_reflns_obs                 . 
_refine.ls_restrained_S_all                      . 
_refine.ls_restrained_S_obs                      . 
_refine.ls_shift_over_esd_max                    . 
_refine.ls_shift_over_esd_mean                   . 
_refine.ls_structure_factor_coef                 . 
_refine.ls_weighting_details                     . 
_refine.ls_weighting_scheme                      . 
_refine.ls_wR_factor_all                         . 
_refine.ls_wR_factor_obs                         . 
_refine.ls_wR_factor_R_free                      . 
_refine.ls_wR_factor_R_work                      . 
_refine.occupancy_max                            . 
_refine.occupancy_min                            . 
_refine.solvent_model_details                    'FLAT BULK SOLVENT MODEL' 
_refine.solvent_model_param_bsol                 . 
_refine.solvent_model_param_ksol                 . 
_refine.ls_R_factor_gt                           . 
_refine.ls_goodness_of_fit_gt                    . 
_refine.ls_goodness_of_fit_ref                   . 
_refine.ls_shift_over_su_max                     . 
_refine.ls_shift_over_su_max_lt                  . 
_refine.ls_shift_over_su_mean                    . 
_refine.ls_shift_over_su_mean_lt                 . 
_refine.pdbx_ls_sigma_I                          . 
_refine.pdbx_ls_sigma_F                          1.34 
_refine.pdbx_ls_sigma_Fsqd                       . 
_refine.pdbx_data_cutoff_high_absF               . 
_refine.pdbx_data_cutoff_high_rms_absF           . 
_refine.pdbx_data_cutoff_low_absF                . 
_refine.pdbx_isotropic_thermal_model             . 
_refine.pdbx_ls_cross_valid_method               'FREE R-VALUE' 
_refine.pdbx_method_to_determine_struct          'MOLECULAR REPLACEMENT' 
_refine.pdbx_starting_model                      '25-residue-long idealized helix' 
_refine.pdbx_stereochemistry_target_values       ML 
_refine.pdbx_R_Free_selection_details            . 
_refine.pdbx_stereochem_target_val_spec_case     . 
_refine.pdbx_overall_ESU_R                       . 
_refine.pdbx_overall_ESU_R_Free                  . 
_refine.pdbx_solvent_vdw_probe_radii             1.11 
_refine.pdbx_solvent_ion_probe_radii             . 
_refine.pdbx_solvent_shrinkage_radii             0.90 
_refine.pdbx_real_space_R                        . 
_refine.pdbx_density_correlation                 . 
_refine.pdbx_pd_number_of_powder_patterns        . 
_refine.pdbx_pd_number_of_points                 . 
_refine.pdbx_pd_meas_number_of_points            . 
_refine.pdbx_pd_proc_ls_prof_R_factor            . 
_refine.pdbx_pd_proc_ls_prof_wR_factor           . 
_refine.pdbx_pd_Marquardt_correlation_coeff      . 
_refine.pdbx_pd_Fsqrd_R_factor                   . 
_refine.pdbx_pd_ls_matrix_band_width             . 
_refine.pdbx_overall_phase_error                 44.46 
_refine.pdbx_overall_SU_R_free_Cruickshank_DPI   . 
_refine.pdbx_overall_SU_R_free_Blow_DPI          . 
_refine.pdbx_overall_SU_R_Blow_DPI               . 
_refine.pdbx_TLS_residual_ADP_flag               . 
_refine.pdbx_diffrn_id                           1 
_refine.overall_SU_B                             . 
_refine.overall_SU_ML                            0.18 
_refine.overall_SU_R_Cruickshank_DPI             . 
_refine.overall_SU_R_free                        . 
_refine.overall_FOM_free_R_set                   . 
_refine.overall_FOM_work_R_set                   . 
# 
_refine_hist.pdbx_refine_id                   'X-RAY DIFFRACTION' 
_refine_hist.cycle_id                         LAST 
_refine_hist.pdbx_number_atoms_protein        211 
_refine_hist.pdbx_number_atoms_nucleic_acid   0 
_refine_hist.pdbx_number_atoms_ligand         0 
_refine_hist.number_atoms_solvent             0 
_refine_hist.number_atoms_total               211 
_refine_hist.d_res_high                       2.704 
_refine_hist.d_res_low                        37.076 
# 
loop_
_refine_ls_restr.pdbx_refine_id 
_refine_ls_restr.criterion 
_refine_ls_restr.dev_ideal 
_refine_ls_restr.dev_ideal_target 
_refine_ls_restr.number 
_refine_ls_restr.rejects 
_refine_ls_restr.type 
_refine_ls_restr.weight 
_refine_ls_restr.pdbx_restraint_function 
'X-RAY DIFFRACTION' . 0.003  . 217 . f_bond_d           . . 
'X-RAY DIFFRACTION' . 0.386  . 294 . f_angle_d          . . 
'X-RAY DIFFRACTION' . 11.073 . 71  . f_dihedral_angle_d . . 
'X-RAY DIFFRACTION' . 0.021  . 32  . f_chiral_restr     . . 
'X-RAY DIFFRACTION' . 0.001  . 35  . f_plane_restr      . . 
# 
_struct.entry_id                     4P6K 
_struct.title                        
'Crystal Structure of the Computationally Designed Transmembrane Metallotransporter with 4-bromophenylalanine in Lipidic Cubic Phase' 
_struct.pdbx_model_details           . 
_struct.pdbx_formula_weight          . 
_struct.pdbx_formula_weight_method   . 
_struct.pdbx_model_type_details      . 
_struct.pdbx_CASP_flag               . 
# 
_struct_keywords.entry_id        4P6K 
_struct_keywords.text            'transmembrane, transporter, lipidic cubic phase, de-novo designed, DE NOVO PROTEIN' 
_struct_keywords.pdbx_keywords   'DE NOVO PROTEIN' 
# 
_struct_asym.id                            A 
_struct_asym.pdbx_blank_PDB_chainid_flag   N 
_struct_asym.pdbx_modified                 N 
_struct_asym.entity_id                     1 
_struct_asym.details                       ? 
# 
_struct_ref.id                         1 
_struct_ref.db_name                    PDB 
_struct_ref.db_code                    4P6K 
_struct_ref.pdbx_db_accession          4P6K 
_struct_ref.entity_id                  1 
_struct_ref.pdbx_seq_one_letter_code   ? 
_struct_ref.pdbx_align_begin           ? 
_struct_ref.pdbx_db_isoform            ? 
# 
_struct_ref_seq.align_id                      1 
_struct_ref_seq.ref_id                        1 
_struct_ref_seq.pdbx_PDB_id_code              4P6K 
_struct_ref_seq.pdbx_strand_id                A 
_struct_ref_seq.seq_align_beg                 1 
_struct_ref_seq.pdbx_seq_align_beg_ins_code   ? 
_struct_ref_seq.seq_align_end                 26 
_struct_ref_seq.pdbx_seq_align_end_ins_code   ? 
_struct_ref_seq.pdbx_db_accession             4P6K 
_struct_ref_seq.db_align_beg                  1 
_struct_ref_seq.pdbx_db_align_beg_ins_code    ? 
_struct_ref_seq.db_align_end                  26 
_struct_ref_seq.pdbx_db_align_end_ins_code    ? 
_struct_ref_seq.pdbx_auth_seq_align_beg       1 
_struct_ref_seq.pdbx_auth_seq_align_end       26 
# 
_pdbx_struct_assembly.id                   1 
_pdbx_struct_assembly.details              author_and_software_defined_assembly 
_pdbx_struct_assembly.method_details       PISA 
_pdbx_struct_assembly.oligomeric_details   dimeric 
_pdbx_struct_assembly.oligomeric_count     2 
# 
loop_
_pdbx_struct_assembly_prop.biol_id 
_pdbx_struct_assembly_prop.type 
_pdbx_struct_assembly_prop.value 
_pdbx_struct_assembly_prop.details 
1 'ABSA (A^2)' 1410 ? 
1 MORE         -10  ? 
1 'SSA (A^2)'  4200 ? 
# 
_pdbx_struct_assembly_gen.assembly_id       1 
_pdbx_struct_assembly_gen.oper_expression   1,2 
_pdbx_struct_assembly_gen.asym_id_list      A 
# 
_pdbx_struct_assembly_auth_evidence.id                     1 
_pdbx_struct_assembly_auth_evidence.assembly_id            1 
_pdbx_struct_assembly_auth_evidence.experimental_support   'equilibrium centrifugation' 
_pdbx_struct_assembly_auth_evidence.details                ? 
# 
loop_
_pdbx_struct_oper_list.id 
_pdbx_struct_oper_list.type 
_pdbx_struct_oper_list.name 
_pdbx_struct_oper_list.symmetry_operation 
_pdbx_struct_oper_list.matrix[1][1] 
_pdbx_struct_oper_list.matrix[1][2] 
_pdbx_struct_oper_list.matrix[1][3] 
_pdbx_struct_oper_list.vector[1] 
_pdbx_struct_oper_list.matrix[2][1] 
_pdbx_struct_oper_list.matrix[2][2] 
_pdbx_struct_oper_list.matrix[2][3] 
_pdbx_struct_oper_list.vector[2] 
_pdbx_struct_oper_list.matrix[3][1] 
_pdbx_struct_oper_list.matrix[3][2] 
_pdbx_struct_oper_list.matrix[3][3] 
_pdbx_struct_oper_list.vector[3] 
1 'identity operation'         1_555 x,y,z           1.0000000000  0.0000000000  0.0000000000  0.0000000000 0.0000000000  1.0000000000 0.0000000000 0.0000000000 0.0000000000  0.0000000000 1.0000000000  0.0000000000  
2 'crystal symmetry operation' 5_454 -x-1/2,y,-z-1/4 -0.9996703707 -0.0201875483 -0.0158623098 7.4103179757 -0.0201875483 0.2363496928 0.9714583293 2.0136143794 -0.0158623098 0.9714583293 -0.2366793221 -2.4086832106 
# 
_struct_biol.details                      
;THE BIOLOGICAL UNIT WAS DETERMINED BY COMBINED APPROACH OF COMPUTATIONAL DESIGN, ANALYTICAL ULTRACENTRIFUGATION AND 19F-CODEX VIA SOLID-STATE NMR. AS PER THE AUTHORS THIS TETRAMERIC ASSEMBLY IS REPORTED IN THE SEPARATE ENTRY (PDB ID: 2MUZ) FOR THE SOLID-STATE NMR MODEL ACCOMPANIED BY THE PAPER THAT CITES THIS PDB
;
_struct_biol.id                           1 
_struct_biol.pdbx_aggregation_state       ? 
_struct_biol.pdbx_assembly_method         ? 
_struct_biol.pdbx_formula_weight          ? 
_struct_biol.pdbx_formula_weight_method   ? 
_struct_biol.pdbx_parent_biol_id          ? 
# 
_struct_conf.conf_type_id            HELX_P 
_struct_conf.id                      HELX_P1 
_struct_conf.pdbx_PDB_helix_id       AA1 
_struct_conf.beg_label_comp_id       TYR 
_struct_conf.beg_label_asym_id       A 
_struct_conf.beg_label_seq_id        1 
_struct_conf.pdbx_beg_PDB_ins_code   ? 
_struct_conf.end_label_comp_id       TYR 
_struct_conf.end_label_asym_id       A 
_struct_conf.end_label_seq_id        25 
_struct_conf.pdbx_end_PDB_ins_code   ? 
_struct_conf.beg_auth_comp_id        TYR 
_struct_conf.beg_auth_asym_id        A 
_struct_conf.beg_auth_seq_id         1 
_struct_conf.end_auth_comp_id        TYR 
_struct_conf.end_auth_asym_id        A 
_struct_conf.end_auth_seq_id         25 
_struct_conf.pdbx_PDB_helix_class    1 
_struct_conf.details                 ? 
_struct_conf.pdbx_PDB_helix_length   25 
# 
_struct_conf_type.id          HELX_P 
_struct_conf_type.criteria    ? 
_struct_conf_type.reference   ? 
# 
loop_
_struct_conn.id 
_struct_conn.conn_type_id 
_struct_conn.pdbx_leaving_atom_flag 
_struct_conn.pdbx_PDB_id 
_struct_conn.ptnr1_label_asym_id 
_struct_conn.ptnr1_label_comp_id 
_struct_conn.ptnr1_label_seq_id 
_struct_conn.ptnr1_label_atom_id 
_struct_conn.pdbx_ptnr1_label_alt_id 
_struct_conn.pdbx_ptnr1_PDB_ins_code 
_struct_conn.pdbx_ptnr1_standard_comp_id 
_struct_conn.ptnr1_symmetry 
_struct_conn.ptnr2_label_asym_id 
_struct_conn.ptnr2_label_comp_id 
_struct_conn.ptnr2_label_seq_id 
_struct_conn.ptnr2_label_atom_id 
_struct_conn.pdbx_ptnr2_label_alt_id 
_struct_conn.pdbx_ptnr2_PDB_ins_code 
_struct_conn.ptnr1_auth_asym_id 
_struct_conn.ptnr1_auth_comp_id 
_struct_conn.ptnr1_auth_seq_id 
_struct_conn.ptnr2_auth_asym_id 
_struct_conn.ptnr2_auth_comp_id 
_struct_conn.ptnr2_auth_seq_id 
_struct_conn.ptnr2_symmetry 
_struct_conn.pdbx_ptnr3_label_atom_id 
_struct_conn.pdbx_ptnr3_label_seq_id 
_struct_conn.pdbx_ptnr3_label_comp_id 
_struct_conn.pdbx_ptnr3_label_asym_id 
_struct_conn.pdbx_ptnr3_label_alt_id 
_struct_conn.pdbx_ptnr3_PDB_ins_code 
_struct_conn.details 
_struct_conn.pdbx_dist_value 
_struct_conn.pdbx_value_order 
_struct_conn.pdbx_role 
covale1 covale both ? A TYR 1  C ? ? ? 1_555 A 4BF 2  N ? ? A TYR 1  A 4BF 2  1_555 ? ? ? ? ? ? ? 1.326 ? ? 
covale2 covale both ? A 4BF 2  C ? ? ? 1_555 A LYS 3  N ? ? A 4BF 2  A LYS 3  1_555 ? ? ? ? ? ? ? 1.330 ? ? 
covale3 covale both ? A TYR 25 C ? ? ? 1_555 A NH2 26 N ? ? A TYR 25 A NH2 26 1_555 ? ? ? ? ? ? ? 1.329 ? ? 
# 
_struct_conn_type.id          covale 
_struct_conn_type.criteria    ? 
_struct_conn_type.reference   ? 
# 
_pdbx_validate_torsion.id              1 
_pdbx_validate_torsion.PDB_model_num   1 
_pdbx_validate_torsion.auth_comp_id    ALA 
_pdbx_validate_torsion.auth_asym_id    A 
_pdbx_validate_torsion.auth_seq_id     6 
_pdbx_validate_torsion.PDB_ins_code    ? 
_pdbx_validate_torsion.label_alt_id    ? 
_pdbx_validate_torsion.phi             -64.49 
_pdbx_validate_torsion.psi             -71.55 
# 
_pdbx_entry_details.compound_details         
;BR HAS ZERO OCCUPANCY IN 4BF.  THE AUTHORS COLLECTED DATA FROM THE SINGLE CRYSTAL USING THE SYNCHROTRON BEAM TUNED AT THE BROMINE EDGE. BROMINE IS VERY LABILE UNDER RADIATION AND READILY DEGRADES UPON REPEATED DATA COLLECTION. THE LAST DATASET IS COLLECTED BY USING INCREASED EXPOSURE TO ATTAIN DIFFRACTIONS AT THE HIGH-RESOLUTION SPACE.  THIS RESULTS IN OCCUPANCY OF 0 FOR THE MENTIONED BROMINE. THIS STUDY HAS BEEN CONFIRMED BY MASS SPEC
;
_pdbx_entry_details.entry_id                 4P6K 
_pdbx_entry_details.nonpolymer_details       ? 
_pdbx_entry_details.sequence_details         ? 
_pdbx_entry_details.source_details           ? 
_pdbx_entry_details.has_ligand_of_interest   ? 
# 
loop_
_chem_comp_atom.comp_id 
_chem_comp_atom.atom_id 
_chem_comp_atom.type_symbol 
_chem_comp_atom.pdbx_aromatic_flag 
_chem_comp_atom.pdbx_stereo_config 
_chem_comp_atom.pdbx_ordinal 
4BF CD1  C  Y N 1   
4BF CE1  C  Y N 2   
4BF CZ   C  Y N 3   
4BF BR   BR N N 4   
4BF CE2  C  Y N 5   
4BF CD2  C  Y N 6   
4BF CG   C  Y N 7   
4BF CB   C  N N 8   
4BF CA   C  N S 9   
4BF N    N  N N 10  
4BF C    C  N N 11  
4BF OXT  O  N N 12  
4BF O    O  N N 13  
4BF HD1  H  N N 14  
4BF HE1  H  N N 15  
4BF HE2  H  N N 16  
4BF HD2  H  N N 17  
4BF HB3  H  N N 18  
4BF HB2  H  N N 19  
4BF HA   H  N N 20  
4BF H    H  N N 21  
4BF H2   H  N N 22  
4BF HXT  H  N N 23  
ALA N    N  N N 24  
ALA CA   C  N S 25  
ALA C    C  N N 26  
ALA O    O  N N 27  
ALA CB   C  N N 28  
ALA OXT  O  N N 29  
ALA H    H  N N 30  
ALA H2   H  N N 31  
ALA HA   H  N N 32  
ALA HB1  H  N N 33  
ALA HB2  H  N N 34  
ALA HB3  H  N N 35  
ALA HXT  H  N N 36  
ARG N    N  N N 37  
ARG CA   C  N S 38  
ARG C    C  N N 39  
ARG O    O  N N 40  
ARG CB   C  N N 41  
ARG CG   C  N N 42  
ARG CD   C  N N 43  
ARG NE   N  N N 44  
ARG CZ   C  N N 45  
ARG NH1  N  N N 46  
ARG NH2  N  N N 47  
ARG OXT  O  N N 48  
ARG H    H  N N 49  
ARG H2   H  N N 50  
ARG HA   H  N N 51  
ARG HB2  H  N N 52  
ARG HB3  H  N N 53  
ARG HG2  H  N N 54  
ARG HG3  H  N N 55  
ARG HD2  H  N N 56  
ARG HD3  H  N N 57  
ARG HE   H  N N 58  
ARG HH11 H  N N 59  
ARG HH12 H  N N 60  
ARG HH21 H  N N 61  
ARG HH22 H  N N 62  
ARG HXT  H  N N 63  
GLU N    N  N N 64  
GLU CA   C  N S 65  
GLU C    C  N N 66  
GLU O    O  N N 67  
GLU CB   C  N N 68  
GLU CG   C  N N 69  
GLU CD   C  N N 70  
GLU OE1  O  N N 71  
GLU OE2  O  N N 72  
GLU OXT  O  N N 73  
GLU H    H  N N 74  
GLU H2   H  N N 75  
GLU HA   H  N N 76  
GLU HB2  H  N N 77  
GLU HB3  H  N N 78  
GLU HG2  H  N N 79  
GLU HG3  H  N N 80  
GLU HE2  H  N N 81  
GLU HXT  H  N N 82  
HIS N    N  N N 83  
HIS CA   C  N S 84  
HIS C    C  N N 85  
HIS O    O  N N 86  
HIS CB   C  N N 87  
HIS CG   C  Y N 88  
HIS ND1  N  Y N 89  
HIS CD2  C  Y N 90  
HIS CE1  C  Y N 91  
HIS NE2  N  Y N 92  
HIS OXT  O  N N 93  
HIS H    H  N N 94  
HIS H2   H  N N 95  
HIS HA   H  N N 96  
HIS HB2  H  N N 97  
HIS HB3  H  N N 98  
HIS HD1  H  N N 99  
HIS HD2  H  N N 100 
HIS HE1  H  N N 101 
HIS HE2  H  N N 102 
HIS HXT  H  N N 103 
ILE N    N  N N 104 
ILE CA   C  N S 105 
ILE C    C  N N 106 
ILE O    O  N N 107 
ILE CB   C  N S 108 
ILE CG1  C  N N 109 
ILE CG2  C  N N 110 
ILE CD1  C  N N 111 
ILE OXT  O  N N 112 
ILE H    H  N N 113 
ILE H2   H  N N 114 
ILE HA   H  N N 115 
ILE HB   H  N N 116 
ILE HG12 H  N N 117 
ILE HG13 H  N N 118 
ILE HG21 H  N N 119 
ILE HG22 H  N N 120 
ILE HG23 H  N N 121 
ILE HD11 H  N N 122 
ILE HD12 H  N N 123 
ILE HD13 H  N N 124 
ILE HXT  H  N N 125 
LEU N    N  N N 126 
LEU CA   C  N S 127 
LEU C    C  N N 128 
LEU O    O  N N 129 
LEU CB   C  N N 130 
LEU CG   C  N N 131 
LEU CD1  C  N N 132 
LEU CD2  C  N N 133 
LEU OXT  O  N N 134 
LEU H    H  N N 135 
LEU H2   H  N N 136 
LEU HA   H  N N 137 
LEU HB2  H  N N 138 
LEU HB3  H  N N 139 
LEU HG   H  N N 140 
LEU HD11 H  N N 141 
LEU HD12 H  N N 142 
LEU HD13 H  N N 143 
LEU HD21 H  N N 144 
LEU HD22 H  N N 145 
LEU HD23 H  N N 146 
LEU HXT  H  N N 147 
LYS N    N  N N 148 
LYS CA   C  N S 149 
LYS C    C  N N 150 
LYS O    O  N N 151 
LYS CB   C  N N 152 
LYS CG   C  N N 153 
LYS CD   C  N N 154 
LYS CE   C  N N 155 
LYS NZ   N  N N 156 
LYS OXT  O  N N 157 
LYS H    H  N N 158 
LYS H2   H  N N 159 
LYS HA   H  N N 160 
LYS HB2  H  N N 161 
LYS HB3  H  N N 162 
LYS HG2  H  N N 163 
LYS HG3  H  N N 164 
LYS HD2  H  N N 165 
LYS HD3  H  N N 166 
LYS HE2  H  N N 167 
LYS HE3  H  N N 168 
LYS HZ1  H  N N 169 
LYS HZ2  H  N N 170 
LYS HZ3  H  N N 171 
LYS HXT  H  N N 172 
NH2 N    N  N N 173 
NH2 HN1  H  N N 174 
NH2 HN2  H  N N 175 
PHE N    N  N N 176 
PHE CA   C  N S 177 
PHE C    C  N N 178 
PHE O    O  N N 179 
PHE CB   C  N N 180 
PHE CG   C  Y N 181 
PHE CD1  C  Y N 182 
PHE CD2  C  Y N 183 
PHE CE1  C  Y N 184 
PHE CE2  C  Y N 185 
PHE CZ   C  Y N 186 
PHE OXT  O  N N 187 
PHE H    H  N N 188 
PHE H2   H  N N 189 
PHE HA   H  N N 190 
PHE HB2  H  N N 191 
PHE HB3  H  N N 192 
PHE HD1  H  N N 193 
PHE HD2  H  N N 194 
PHE HE1  H  N N 195 
PHE HE2  H  N N 196 
PHE HZ   H  N N 197 
PHE HXT  H  N N 198 
SER N    N  N N 199 
SER CA   C  N S 200 
SER C    C  N N 201 
SER O    O  N N 202 
SER CB   C  N N 203 
SER OG   O  N N 204 
SER OXT  O  N N 205 
SER H    H  N N 206 
SER H2   H  N N 207 
SER HA   H  N N 208 
SER HB2  H  N N 209 
SER HB3  H  N N 210 
SER HG   H  N N 211 
SER HXT  H  N N 212 
TYR N    N  N N 213 
TYR CA   C  N S 214 
TYR C    C  N N 215 
TYR O    O  N N 216 
TYR CB   C  N N 217 
TYR CG   C  Y N 218 
TYR CD1  C  Y N 219 
TYR CD2  C  Y N 220 
TYR CE1  C  Y N 221 
TYR CE2  C  Y N 222 
TYR CZ   C  Y N 223 
TYR OH   O  N N 224 
TYR OXT  O  N N 225 
TYR H    H  N N 226 
TYR H2   H  N N 227 
TYR HA   H  N N 228 
TYR HB2  H  N N 229 
TYR HB3  H  N N 230 
TYR HD1  H  N N 231 
TYR HD2  H  N N 232 
TYR HE1  H  N N 233 
TYR HE2  H  N N 234 
TYR HH   H  N N 235 
TYR HXT  H  N N 236 
VAL N    N  N N 237 
VAL CA   C  N S 238 
VAL C    C  N N 239 
VAL O    O  N N 240 
VAL CB   C  N N 241 
VAL CG1  C  N N 242 
VAL CG2  C  N N 243 
VAL OXT  O  N N 244 
VAL H    H  N N 245 
VAL H2   H  N N 246 
VAL HA   H  N N 247 
VAL HB   H  N N 248 
VAL HG11 H  N N 249 
VAL HG12 H  N N 250 
VAL HG13 H  N N 251 
VAL HG21 H  N N 252 
VAL HG22 H  N N 253 
VAL HG23 H  N N 254 
VAL HXT  H  N N 255 
# 
loop_
_chem_comp_bond.comp_id 
_chem_comp_bond.atom_id_1 
_chem_comp_bond.atom_id_2 
_chem_comp_bond.value_order 
_chem_comp_bond.pdbx_aromatic_flag 
_chem_comp_bond.pdbx_stereo_config 
_chem_comp_bond.pdbx_ordinal 
4BF CD1 CE1  doub Y N 1   
4BF CD1 CG   sing Y N 2   
4BF CD1 HD1  sing N N 3   
4BF CE1 CZ   sing Y N 4   
4BF CE1 HE1  sing N N 5   
4BF CZ  BR   sing N N 6   
4BF CZ  CE2  doub Y N 7   
4BF CE2 CD2  sing Y N 8   
4BF CE2 HE2  sing N N 9   
4BF CD2 CG   doub Y N 10  
4BF CD2 HD2  sing N N 11  
4BF CG  CB   sing N N 12  
4BF CB  CA   sing N N 13  
4BF CB  HB3  sing N N 14  
4BF CB  HB2  sing N N 15  
4BF CA  N    sing N N 16  
4BF CA  C    sing N N 17  
4BF CA  HA   sing N N 18  
4BF N   H    sing N N 19  
4BF N   H2   sing N N 20  
4BF C   OXT  sing N N 21  
4BF C   O    doub N N 22  
4BF OXT HXT  sing N N 23  
ALA N   CA   sing N N 24  
ALA N   H    sing N N 25  
ALA N   H2   sing N N 26  
ALA CA  C    sing N N 27  
ALA CA  CB   sing N N 28  
ALA CA  HA   sing N N 29  
ALA C   O    doub N N 30  
ALA C   OXT  sing N N 31  
ALA CB  HB1  sing N N 32  
ALA CB  HB2  sing N N 33  
ALA CB  HB3  sing N N 34  
ALA OXT HXT  sing N N 35  
ARG N   CA   sing N N 36  
ARG N   H    sing N N 37  
ARG N   H2   sing N N 38  
ARG CA  C    sing N N 39  
ARG CA  CB   sing N N 40  
ARG CA  HA   sing N N 41  
ARG C   O    doub N N 42  
ARG C   OXT  sing N N 43  
ARG CB  CG   sing N N 44  
ARG CB  HB2  sing N N 45  
ARG CB  HB3  sing N N 46  
ARG CG  CD   sing N N 47  
ARG CG  HG2  sing N N 48  
ARG CG  HG3  sing N N 49  
ARG CD  NE   sing N N 50  
ARG CD  HD2  sing N N 51  
ARG CD  HD3  sing N N 52  
ARG NE  CZ   sing N N 53  
ARG NE  HE   sing N N 54  
ARG CZ  NH1  sing N N 55  
ARG CZ  NH2  doub N N 56  
ARG NH1 HH11 sing N N 57  
ARG NH1 HH12 sing N N 58  
ARG NH2 HH21 sing N N 59  
ARG NH2 HH22 sing N N 60  
ARG OXT HXT  sing N N 61  
GLU N   CA   sing N N 62  
GLU N   H    sing N N 63  
GLU N   H2   sing N N 64  
GLU CA  C    sing N N 65  
GLU CA  CB   sing N N 66  
GLU CA  HA   sing N N 67  
GLU C   O    doub N N 68  
GLU C   OXT  sing N N 69  
GLU CB  CG   sing N N 70  
GLU CB  HB2  sing N N 71  
GLU CB  HB3  sing N N 72  
GLU CG  CD   sing N N 73  
GLU CG  HG2  sing N N 74  
GLU CG  HG3  sing N N 75  
GLU CD  OE1  doub N N 76  
GLU CD  OE2  sing N N 77  
GLU OE2 HE2  sing N N 78  
GLU OXT HXT  sing N N 79  
HIS N   CA   sing N N 80  
HIS N   H    sing N N 81  
HIS N   H2   sing N N 82  
HIS CA  C    sing N N 83  
HIS CA  CB   sing N N 84  
HIS CA  HA   sing N N 85  
HIS C   O    doub N N 86  
HIS C   OXT  sing N N 87  
HIS CB  CG   sing N N 88  
HIS CB  HB2  sing N N 89  
HIS CB  HB3  sing N N 90  
HIS CG  ND1  sing Y N 91  
HIS CG  CD2  doub Y N 92  
HIS ND1 CE1  doub Y N 93  
HIS ND1 HD1  sing N N 94  
HIS CD2 NE2  sing Y N 95  
HIS CD2 HD2  sing N N 96  
HIS CE1 NE2  sing Y N 97  
HIS CE1 HE1  sing N N 98  
HIS NE2 HE2  sing N N 99  
HIS OXT HXT  sing N N 100 
ILE N   CA   sing N N 101 
ILE N   H    sing N N 102 
ILE N   H2   sing N N 103 
ILE CA  C    sing N N 104 
ILE CA  CB   sing N N 105 
ILE CA  HA   sing N N 106 
ILE C   O    doub N N 107 
ILE C   OXT  sing N N 108 
ILE CB  CG1  sing N N 109 
ILE CB  CG2  sing N N 110 
ILE CB  HB   sing N N 111 
ILE CG1 CD1  sing N N 112 
ILE CG1 HG12 sing N N 113 
ILE CG1 HG13 sing N N 114 
ILE CG2 HG21 sing N N 115 
ILE CG2 HG22 sing N N 116 
ILE CG2 HG23 sing N N 117 
ILE CD1 HD11 sing N N 118 
ILE CD1 HD12 sing N N 119 
ILE CD1 HD13 sing N N 120 
ILE OXT HXT  sing N N 121 
LEU N   CA   sing N N 122 
LEU N   H    sing N N 123 
LEU N   H2   sing N N 124 
LEU CA  C    sing N N 125 
LEU CA  CB   sing N N 126 
LEU CA  HA   sing N N 127 
LEU C   O    doub N N 128 
LEU C   OXT  sing N N 129 
LEU CB  CG   sing N N 130 
LEU CB  HB2  sing N N 131 
LEU CB  HB3  sing N N 132 
LEU CG  CD1  sing N N 133 
LEU CG  CD2  sing N N 134 
LEU CG  HG   sing N N 135 
LEU CD1 HD11 sing N N 136 
LEU CD1 HD12 sing N N 137 
LEU CD1 HD13 sing N N 138 
LEU CD2 HD21 sing N N 139 
LEU CD2 HD22 sing N N 140 
LEU CD2 HD23 sing N N 141 
LEU OXT HXT  sing N N 142 
LYS N   CA   sing N N 143 
LYS N   H    sing N N 144 
LYS N   H2   sing N N 145 
LYS CA  C    sing N N 146 
LYS CA  CB   sing N N 147 
LYS CA  HA   sing N N 148 
LYS C   O    doub N N 149 
LYS C   OXT  sing N N 150 
LYS CB  CG   sing N N 151 
LYS CB  HB2  sing N N 152 
LYS CB  HB3  sing N N 153 
LYS CG  CD   sing N N 154 
LYS CG  HG2  sing N N 155 
LYS CG  HG3  sing N N 156 
LYS CD  CE   sing N N 157 
LYS CD  HD2  sing N N 158 
LYS CD  HD3  sing N N 159 
LYS CE  NZ   sing N N 160 
LYS CE  HE2  sing N N 161 
LYS CE  HE3  sing N N 162 
LYS NZ  HZ1  sing N N 163 
LYS NZ  HZ2  sing N N 164 
LYS NZ  HZ3  sing N N 165 
LYS OXT HXT  sing N N 166 
NH2 N   HN1  sing N N 167 
NH2 N   HN2  sing N N 168 
PHE N   CA   sing N N 169 
PHE N   H    sing N N 170 
PHE N   H2   sing N N 171 
PHE CA  C    sing N N 172 
PHE CA  CB   sing N N 173 
PHE CA  HA   sing N N 174 
PHE C   O    doub N N 175 
PHE C   OXT  sing N N 176 
PHE CB  CG   sing N N 177 
PHE CB  HB2  sing N N 178 
PHE CB  HB3  sing N N 179 
PHE CG  CD1  doub Y N 180 
PHE CG  CD2  sing Y N 181 
PHE CD1 CE1  sing Y N 182 
PHE CD1 HD1  sing N N 183 
PHE CD2 CE2  doub Y N 184 
PHE CD2 HD2  sing N N 185 
PHE CE1 CZ   doub Y N 186 
PHE CE1 HE1  sing N N 187 
PHE CE2 CZ   sing Y N 188 
PHE CE2 HE2  sing N N 189 
PHE CZ  HZ   sing N N 190 
PHE OXT HXT  sing N N 191 
SER N   CA   sing N N 192 
SER N   H    sing N N 193 
SER N   H2   sing N N 194 
SER CA  C    sing N N 195 
SER CA  CB   sing N N 196 
SER CA  HA   sing N N 197 
SER C   O    doub N N 198 
SER C   OXT  sing N N 199 
SER CB  OG   sing N N 200 
SER CB  HB2  sing N N 201 
SER CB  HB3  sing N N 202 
SER OG  HG   sing N N 203 
SER OXT HXT  sing N N 204 
TYR N   CA   sing N N 205 
TYR N   H    sing N N 206 
TYR N   H2   sing N N 207 
TYR CA  C    sing N N 208 
TYR CA  CB   sing N N 209 
TYR CA  HA   sing N N 210 
TYR C   O    doub N N 211 
TYR C   OXT  sing N N 212 
TYR CB  CG   sing N N 213 
TYR CB  HB2  sing N N 214 
TYR CB  HB3  sing N N 215 
TYR CG  CD1  doub Y N 216 
TYR CG  CD2  sing Y N 217 
TYR CD1 CE1  sing Y N 218 
TYR CD1 HD1  sing N N 219 
TYR CD2 CE2  doub Y N 220 
TYR CD2 HD2  sing N N 221 
TYR CE1 CZ   doub Y N 222 
TYR CE1 HE1  sing N N 223 
TYR CE2 CZ   sing Y N 224 
TYR CE2 HE2  sing N N 225 
TYR CZ  OH   sing N N 226 
TYR OH  HH   sing N N 227 
TYR OXT HXT  sing N N 228 
VAL N   CA   sing N N 229 
VAL N   H    sing N N 230 
VAL N   H2   sing N N 231 
VAL CA  C    sing N N 232 
VAL CA  CB   sing N N 233 
VAL CA  HA   sing N N 234 
VAL C   O    doub N N 235 
VAL C   OXT  sing N N 236 
VAL CB  CG1  sing N N 237 
VAL CB  CG2  sing N N 238 
VAL CB  HB   sing N N 239 
VAL CG1 HG11 sing N N 240 
VAL CG1 HG12 sing N N 241 
VAL CG1 HG13 sing N N 242 
VAL CG2 HG21 sing N N 243 
VAL CG2 HG22 sing N N 244 
VAL CG2 HG23 sing N N 245 
VAL OXT HXT  sing N N 246 
# 
loop_
_pdbx_audit_support.funding_organization 
_pdbx_audit_support.country 
_pdbx_audit_support.grant_number 
_pdbx_audit_support.ordinal 
'National Institutes of Health/National Institute Of Allergy and Infectious Diseases (NIH/NIAID)' 'United States' 7U01AI074571-05 
1 
'National Institutes of Health/National Institute of General Medical Sciences (NIH/NIGMS)'        'United States' 3F32GM096727    
2 
# 
_pdbx_initial_refinement_model.accession_code   ? 
_pdbx_initial_refinement_model.id               1 
_pdbx_initial_refinement_model.entity_id_list   ? 
_pdbx_initial_refinement_model.type             'in silico model' 
_pdbx_initial_refinement_model.source_name      Other 
_pdbx_initial_refinement_model.details          '25-residue-long idealized helix' 
# 
_atom_sites.entry_id                    4P6K 
_atom_sites.fract_transf_matrix[1][1]   -0.01632024 
_atom_sites.fract_transf_matrix[1][2]   -0.00865482 
_atom_sites.fract_transf_matrix[1][3]   0.01067562 
_atom_sites.fract_transf_matrix[2][1]   -0.00027391 
_atom_sites.fract_transf_matrix[2][2]   0.01677524 
_atom_sites.fract_transf_matrix[2][3]   0.01318110 
_atom_sites.fract_transf_matrix[3][1]   -0.01062669 
_atom_sites.fract_transf_matrix[3][2]   0.00769163 
_atom_sites.fract_transf_matrix[3][3]   -0.01000977 
_atom_sites.fract_transf_vector[1]      -0.167965 
_atom_sites.fract_transf_vector[2]      -0.002716 
_atom_sites.fract_transf_vector[3]      -0.105427 
# 
loop_
_atom_type.symbol 
BR 
C  
N  
O  
# 
loop_
_atom_site.group_PDB 
_atom_site.id 
_atom_site.type_symbol 
_atom_site.label_atom_id 
_atom_site.label_alt_id 
_atom_site.label_comp_id 
_atom_site.label_asym_id 
_atom_site.label_entity_id 
_atom_site.label_seq_id 
_atom_site.pdbx_PDB_ins_code 
_atom_site.Cartn_x 
_atom_site.Cartn_y 
_atom_site.Cartn_z 
_atom_site.occupancy 
_atom_site.B_iso_or_equiv 
_atom_site.pdbx_formal_charge 
_atom_site.auth_seq_id 
_atom_site.auth_comp_id 
_atom_site.auth_asym_id 
_atom_site.auth_atom_id 
_atom_site.pdbx_PDB_model_num 
ATOM   1   N  N   . TYR A 1 1  ? -8.500  7.814   -15.795 1.00 78.48 ? 1  TYR A N   1 
ATOM   2   C  CA  . TYR A 1 1  ? -7.565  8.572   -14.973 1.00 78.46 ? 1  TYR A CA  1 
ATOM   3   C  C   . TYR A 1 1  ? -7.655  8.173   -13.509 1.00 78.72 ? 1  TYR A C   1 
ATOM   4   O  O   . TYR A 1 1  ? -6.638  8.042   -12.829 1.00 78.45 ? 1  TYR A O   1 
ATOM   5   C  CB  . TYR A 1 1  ? -7.820  10.073  -15.114 1.00 82.17 ? 1  TYR A CB  1 
ATOM   6   C  CG  . TYR A 1 1  ? -7.153  10.915  -14.048 1.00 81.68 ? 1  TYR A CG  1 
ATOM   7   C  CD1 . TYR A 1 1  ? -5.768  10.967  -13.937 1.00 80.97 ? 1  TYR A CD1 1 
ATOM   8   C  CD2 . TYR A 1 1  ? -7.908  11.671  -13.160 1.00 80.00 ? 1  TYR A CD2 1 
ATOM   9   C  CE1 . TYR A 1 1  ? -5.155  11.740  -12.965 1.00 76.92 ? 1  TYR A CE1 1 
ATOM   10  C  CE2 . TYR A 1 1  ? -7.305  12.449  -12.187 1.00 76.01 ? 1  TYR A CE2 1 
ATOM   11  C  CZ  . TYR A 1 1  ? -5.929  12.480  -12.093 1.00 77.26 ? 1  TYR A CZ  1 
ATOM   12  O  OH  . TYR A 1 1  ? -5.325  13.251  -11.124 1.00 73.77 ? 1  TYR A OH  1 
HETATM 13  C  CD1 . 4BF A 1 2  ? -10.330 10.488  -10.470 1.00 82.21 ? 2  4BF A CD1 1 
HETATM 14  C  CE1 . 4BF A 1 2  ? -10.510 11.836  -10.629 1.00 81.64 ? 2  4BF A CE1 1 
HETATM 15  C  CZ  . 4BF A 1 2  ? -11.085 12.336  -11.813 1.00 84.28 ? 2  4BF A CZ  1 
HETATM 16  BR BR  . 4BF A 1 2  ? -11.332 14.222  -12.033 0.00 78.74 ? 2  4BF A BR  1 
HETATM 17  C  CE2 . 4BF A 1 2  ? -11.481 11.443  -12.843 1.00 85.33 ? 2  4BF A CE2 1 
HETATM 18  C  CD2 . 4BF A 1 2  ? -11.306 10.120  -12.688 1.00 87.59 ? 2  4BF A CD2 1 
HETATM 19  C  CG  . 4BF A 1 2  ? -10.718 9.613   -11.475 1.00 87.92 ? 2  4BF A CG  1 
HETATM 20  C  CB  . 4BF A 1 2  ? -10.513 8.079   -11.290 1.00 84.85 ? 2  4BF A CB  1 
HETATM 21  C  CA  . 4BF A 1 2  ? -9.100  7.671   -11.662 1.00 82.95 ? 2  4BF A CA  1 
HETATM 22  N  N   . 4BF A 1 2  ? -8.876  7.980   -13.031 1.00 84.74 ? 2  4BF A N   1 
HETATM 23  C  C   . 4BF A 1 2  ? -8.872  6.173   -11.385 1.00 83.67 ? 2  4BF A C   1 
HETATM 24  O  O   . 4BF A 1 2  ? -8.716  5.773   -10.213 1.00 85.59 ? 2  4BF A O   1 
ATOM   25  N  N   . LYS A 1 3  ? -8.849  5.359   -12.437 1.00 84.10 ? 3  LYS A N   1 
ATOM   26  C  CA  . LYS A 1 3  ? -8.536  3.941   -12.288 1.00 83.25 ? 3  LYS A CA  1 
ATOM   27  C  C   . LYS A 1 3  ? -7.072  3.773   -11.879 1.00 89.73 ? 3  LYS A C   1 
ATOM   28  O  O   . LYS A 1 3  ? -6.730  2.860   -11.124 1.00 88.94 ? 3  LYS A O   1 
ATOM   29  C  CB  . LYS A 1 3  ? -8.823  3.175   -13.583 1.00 84.89 ? 3  LYS A CB  1 
ATOM   30  C  CG  . LYS A 1 3  ? -8.645  1.666   -13.467 1.00 92.42 ? 3  LYS A CG  1 
ATOM   31  C  CD  . LYS A 1 3  ? -8.790  0.971   -14.816 1.00 92.62 ? 3  LYS A CD  1 
ATOM   32  C  CE  . LYS A 1 3  ? -7.658  1.349   -15.764 1.00 85.58 ? 3  LYS A CE  1 
ATOM   33  N  NZ  . LYS A 1 3  ? -7.738  0.618   -17.062 1.00 78.28 ? 3  LYS A NZ  1 
ATOM   34  N  N   . GLU A 1 4  ? -6.215  4.663   -12.380 1.00 92.00 ? 4  GLU A N   1 
ATOM   35  C  CA  . GLU A 1 4  ? -4.792  4.641   -12.050 1.00 84.47 ? 4  GLU A CA  1 
ATOM   36  C  C   . GLU A 1 4  ? -4.541  5.150   -10.635 1.00 78.85 ? 4  GLU A C   1 
ATOM   37  O  O   . GLU A 1 4  ? -3.532  4.811   -10.016 1.00 80.45 ? 4  GLU A O   1 
ATOM   38  C  CB  . GLU A 1 4  ? -3.984  5.476   -13.049 1.00 82.85 ? 4  GLU A CB  1 
ATOM   39  C  CG  . GLU A 1 4  ? -3.797  4.829   -14.410 1.00 82.44 ? 4  GLU A CG  1 
ATOM   40  C  CD  . GLU A 1 4  ? -5.058  4.859   -15.248 1.00 89.99 ? 4  GLU A CD  1 
ATOM   41  O  OE1 . GLU A 1 4  ? -5.617  5.960   -15.436 1.00 90.04 ? 4  GLU A OE1 1 
ATOM   42  O  OE2 . GLU A 1 4  ? -5.494  3.784   -15.711 1.00 91.80 ? 4  GLU A OE2 1 
ATOM   43  N  N   . ILE A 1 5  ? -5.459  5.968   -10.130 1.00 77.10 ? 5  ILE A N   1 
ATOM   44  C  CA  . ILE A 1 5  ? -5.350  6.489   -8.771  1.00 75.24 ? 5  ILE A CA  1 
ATOM   45  C  C   . ILE A 1 5  ? -5.677  5.403   -7.756  1.00 75.39 ? 5  ILE A C   1 
ATOM   46  O  O   . ILE A 1 5  ? -5.112  5.368   -6.668  1.00 70.77 ? 5  ILE A O   1 
ATOM   47  C  CB  . ILE A 1 5  ? -6.288  7.685   -8.535  1.00 73.27 ? 5  ILE A CB  1 
ATOM   48  C  CG1 . ILE A 1 5  ? -6.241  8.645   -9.721  1.00 75.62 ? 5  ILE A CG1 1 
ATOM   49  C  CG2 . ILE A 1 5  ? -5.921  8.401   -7.242  1.00 68.50 ? 5  ILE A CG2 1 
ATOM   50  C  CD1 . ILE A 1 5  ? -4.876  9.208   -9.983  1.00 75.46 ? 5  ILE A CD1 1 
ATOM   51  N  N   . ALA A 1 6  ? -6.597  4.518   -8.123  1.00 81.31 ? 6  ALA A N   1 
ATOM   52  C  CA  . ALA A 1 6  ? -7.003  3.424   -7.249  1.00 80.48 ? 6  ALA A CA  1 
ATOM   53  C  C   . ALA A 1 6  ? -5.854  2.456   -6.992  1.00 80.30 ? 6  ALA A C   1 
ATOM   54  O  O   . ALA A 1 6  ? -5.304  2.420   -5.889  1.00 83.89 ? 6  ALA A O   1 
ATOM   55  C  CB  . ALA A 1 6  ? -8.182  2.689   -7.847  1.00 77.97 ? 6  ALA A CB  1 
ATOM   56  N  N   . HIS A 1 7  ? -5.495  1.685   -8.018  1.00 80.45 ? 7  HIS A N   1 
ATOM   57  C  CA  . HIS A 1 7  ? -4.469  0.645   -7.911  1.00 82.98 ? 7  HIS A CA  1 
ATOM   58  C  C   . HIS A 1 7  ? -3.171  1.155   -7.283  1.00 77.93 ? 7  HIS A C   1 
ATOM   59  O  O   . HIS A 1 7  ? -2.447  0.395   -6.640  1.00 75.99 ? 7  HIS A O   1 
ATOM   60  C  CB  . HIS A 1 7  ? -4.177  0.051   -9.292  1.00 83.56 ? 7  HIS A CB  1 
ATOM   61  C  CG  . HIS A 1 7  ? -3.264  -1.134  -9.259  1.00 78.23 ? 7  HIS A CG  1 
ATOM   62  N  ND1 . HIS A 1 7  ? -3.124  -1.937  -8.147  1.00 72.56 ? 7  HIS A ND1 1 
ATOM   63  C  CD2 . HIS A 1 7  ? -2.446  -1.654  -10.204 1.00 75.45 ? 7  HIS A CD2 1 
ATOM   64  C  CE1 . HIS A 1 7  ? -2.257  -2.897  -8.408  1.00 71.17 ? 7  HIS A CE1 1 
ATOM   65  N  NE2 . HIS A 1 7  ? -1.831  -2.750  -9.651  1.00 76.85 ? 7  HIS A NE2 1 
ATOM   66  N  N   . ALA A 1 8  ? -2.884  2.440   -7.469  1.00 74.14 ? 8  ALA A N   1 
ATOM   67  C  CA  . ALA A 1 8  ? -1.717  3.057   -6.854  1.00 67.24 ? 8  ALA A CA  1 
ATOM   68  C  C   . ALA A 1 8  ? -1.975  3.339   -5.378  1.00 64.36 ? 8  ALA A C   1 
ATOM   69  O  O   . ALA A 1 8  ? -1.108  3.109   -4.535  1.00 67.95 ? 8  ALA A O   1 
ATOM   70  C  CB  . ALA A 1 8  ? -1.341  4.338   -7.582  1.00 65.19 ? 8  ALA A CB  1 
ATOM   71  N  N   . LEU A 1 9  ? -3.170  3.834   -5.071  1.00 63.96 ? 9  LEU A N   1 
ATOM   72  C  CA  . LEU A 1 9  ? -3.528  4.166   -3.694  1.00 61.33 ? 9  LEU A CA  1 
ATOM   73  C  C   . LEU A 1 9  ? -3.622  2.914   -2.836  1.00 60.35 ? 9  LEU A C   1 
ATOM   74  O  O   . LEU A 1 9  ? -3.386  2.959   -1.632  1.00 61.94 ? 9  LEU A O   1 
ATOM   75  C  CB  . LEU A 1 9  ? -4.854  4.929   -3.652  1.00 55.94 ? 9  LEU A CB  1 
ATOM   76  C  CG  . LEU A 1 9  ? -5.237  5.600   -2.332  1.00 55.88 ? 9  LEU A CG  1 
ATOM   77  C  CD1 . LEU A 1 9  ? -4.167  6.593   -1.903  1.00 60.23 ? 9  LEU A CD1 1 
ATOM   78  C  CD2 . LEU A 1 9  ? -6.583  6.291   -2.463  1.00 57.23 ? 9  LEU A CD2 1 
ATOM   79  N  N   . PHE A 1 10 ? -3.966  1.794   -3.459  1.00 55.53 ? 10 PHE A N   1 
ATOM   80  C  CA  . PHE A 1 10 ? -4.120  0.550   -2.724  1.00 59.25 ? 10 PHE A CA  1 
ATOM   81  C  C   . PHE A 1 10 ? -2.805  -0.222  -2.641  1.00 64.44 ? 10 PHE A C   1 
ATOM   82  O  O   . PHE A 1 10 ? -2.532  -0.878  -1.638  1.00 65.65 ? 10 PHE A O   1 
ATOM   83  C  CB  . PHE A 1 10 ? -5.211  -0.314  -3.359  1.00 72.25 ? 10 PHE A CB  1 
ATOM   84  C  CG  . PHE A 1 10 ? -6.591  0.283   -3.257  1.00 77.67 ? 10 PHE A CG  1 
ATOM   85  C  CD1 . PHE A 1 10 ? -7.179  0.493   -2.018  1.00 76.09 ? 10 PHE A CD1 1 
ATOM   86  C  CD2 . PHE A 1 10 ? -7.302  0.628   -4.396  1.00 78.49 ? 10 PHE A CD2 1 
ATOM   87  C  CE1 . PHE A 1 10 ? -8.444  1.042   -1.916  1.00 77.02 ? 10 PHE A CE1 1 
ATOM   88  C  CE2 . PHE A 1 10 ? -8.571  1.179   -4.300  1.00 80.31 ? 10 PHE A CE2 1 
ATOM   89  C  CZ  . PHE A 1 10 ? -9.142  1.385   -3.058  1.00 80.49 ? 10 PHE A CZ  1 
ATOM   90  N  N   . SER A 1 11 ? -1.992  -0.140  -3.690  1.00 68.06 ? 11 SER A N   1 
ATOM   91  C  CA  . SER A 1 11 ? -0.677  -0.777  -3.677  1.00 63.40 ? 11 SER A CA  1 
ATOM   92  C  C   . SER A 1 11 ? 0.231   -0.094  -2.663  1.00 63.32 ? 11 SER A C   1 
ATOM   93  O  O   . SER A 1 11 ? 1.089   -0.730  -2.052  1.00 63.21 ? 11 SER A O   1 
ATOM   94  C  CB  . SER A 1 11 ? -0.035  -0.740  -5.064  1.00 65.14 ? 11 SER A CB  1 
ATOM   95  O  OG  . SER A 1 11 ? 1.246   -1.347  -5.045  1.00 71.59 ? 11 SER A OG  1 
ATOM   96  N  N   . ALA A 1 12 ? 0.031   1.209   -2.492  1.00 62.58 ? 12 ALA A N   1 
ATOM   97  C  CA  . ALA A 1 12 ? 0.792   1.984   -1.522  1.00 55.14 ? 12 ALA A CA  1 
ATOM   98  C  C   . ALA A 1 12 ? 0.418   1.587   -0.100  1.00 60.04 ? 12 ALA A C   1 
ATOM   99  O  O   . ALA A 1 12 ? 1.286   1.251   0.706   1.00 61.39 ? 12 ALA A O   1 
ATOM   100 C  CB  . ALA A 1 12 ? 0.564   3.470   -1.736  1.00 54.23 ? 12 ALA A CB  1 
ATOM   101 N  N   . LEU A 1 13 ? -0.877  1.626   0.200   1.00 62.54 ? 13 LEU A N   1 
ATOM   102 C  CA  . LEU A 1 13 ? -1.369  1.280   1.530   1.00 56.53 ? 13 LEU A CA  1 
ATOM   103 C  C   . LEU A 1 13 ? -0.993  -0.149  1.903   1.00 52.95 ? 13 LEU A C   1 
ATOM   104 O  O   . LEU A 1 13 ? -0.640  -0.425  3.048   1.00 50.35 ? 13 LEU A O   1 
ATOM   105 C  CB  . LEU A 1 13 ? -2.888  1.464   1.609   1.00 53.01 ? 13 LEU A CB  1 
ATOM   106 C  CG  . LEU A 1 13 ? -3.423  2.900   1.570   1.00 52.13 ? 13 LEU A CG  1 
ATOM   107 C  CD1 . LEU A 1 13 ? -4.943  2.901   1.595   1.00 52.92 ? 13 LEU A CD1 1 
ATOM   108 C  CD2 . LEU A 1 13 ? -2.863  3.738   2.717   1.00 47.52 ? 13 LEU A CD2 1 
ATOM   109 N  N   . PHE A 1 14 ? -1.061  -1.052  0.932   1.00 60.80 ? 14 PHE A N   1 
ATOM   110 C  CA  . PHE A 1 14 ? -0.686  -2.442  1.160   1.00 64.21 ? 14 PHE A CA  1 
ATOM   111 C  C   . PHE A 1 14 ? 0.808   -2.577  1.436   1.00 68.48 ? 14 PHE A C   1 
ATOM   112 O  O   . PHE A 1 14 ? 1.220   -3.331  2.320   1.00 66.24 ? 14 PHE A O   1 
ATOM   113 C  CB  . PHE A 1 14 ? -1.075  -3.306  -0.041  1.00 65.71 ? 14 PHE A CB  1 
ATOM   114 C  CG  . PHE A 1 14 ? -0.441  -4.664  -0.037  1.00 69.85 ? 14 PHE A CG  1 
ATOM   115 C  CD1 . PHE A 1 14 ? -0.997  -5.700  0.694   1.00 72.09 ? 14 PHE A CD1 1 
ATOM   116 C  CD2 . PHE A 1 14 ? 0.716   -4.907  -0.766  1.00 75.88 ? 14 PHE A CD2 1 
ATOM   117 C  CE1 . PHE A 1 14 ? -0.413  -6.953  0.701   1.00 81.96 ? 14 PHE A CE1 1 
ATOM   118 C  CE2 . PHE A 1 14 ? 1.308   -6.156  -0.763  1.00 81.10 ? 14 PHE A CE2 1 
ATOM   119 C  CZ  . PHE A 1 14 ? 0.741   -7.183  -0.031  1.00 86.40 ? 14 PHE A CZ  1 
ATOM   120 N  N   . ALA A 1 15 ? 1.615   -1.853  0.666   1.00 60.35 ? 15 ALA A N   1 
ATOM   121 C  CA  . ALA A 1 15 ? 3.064   -1.887  0.828   1.00 56.40 ? 15 ALA A CA  1 
ATOM   122 C  C   . ALA A 1 15 ? 3.471   -1.336  2.191   1.00 60.83 ? 15 ALA A C   1 
ATOM   123 O  O   . ALA A 1 15 ? 4.364   -1.873  2.844   1.00 63.19 ? 15 ALA A O   1 
ATOM   124 C  CB  . ALA A 1 15 ? 3.737   -1.108  -0.283  1.00 56.92 ? 15 ALA A CB  1 
ATOM   125 N  N   . LEU A 1 16 ? 2.803   -0.265  2.613   1.00 58.21 ? 16 LEU A N   1 
ATOM   126 C  CA  . LEU A 1 16 ? 3.048   0.341   3.921   1.00 56.28 ? 16 LEU A CA  1 
ATOM   127 C  C   . LEU A 1 16 ? 2.635   -0.597  5.050   1.00 56.94 ? 16 LEU A C   1 
ATOM   128 O  O   . LEU A 1 16 ? 3.203   -0.561  6.141   1.00 55.05 ? 16 LEU A O   1 
ATOM   129 C  CB  . LEU A 1 16 ? 2.297   1.668   4.044   1.00 53.35 ? 16 LEU A CB  1 
ATOM   130 C  CG  . LEU A 1 16 ? 2.744   2.800   3.120   1.00 56.30 ? 16 LEU A CG  1 
ATOM   131 C  CD1 . LEU A 1 16 ? 1.625   3.810   2.930   1.00 54.29 ? 16 LEU A CD1 1 
ATOM   132 C  CD2 . LEU A 1 16 ? 3.986   3.476   3.675   1.00 58.18 ? 16 LEU A CD2 1 
ATOM   133 N  N   . SER A 1 17 ? 1.638   -1.434  4.778   1.00 58.45 ? 17 SER A N   1 
ATOM   134 C  CA  . SER A 1 17 ? 1.156   -2.399  5.758   1.00 56.63 ? 17 SER A CA  1 
ATOM   135 C  C   . SER A 1 17 ? 2.179   -3.504  5.999   1.00 58.47 ? 17 SER A C   1 
ATOM   136 O  O   . SER A 1 17 ? 2.406   -3.901  7.142   1.00 64.30 ? 17 SER A O   1 
ATOM   137 C  CB  . SER A 1 17 ? -0.175  -3.007  5.306   1.00 64.42 ? 17 SER A CB  1 
ATOM   138 O  OG  . SER A 1 17 ? -1.180  -2.012  5.192   1.00 70.39 ? 17 SER A OG  1 
ATOM   139 N  N   . GLU A 1 18 ? 2.788   -3.998  4.924   1.00 49.04 ? 18 GLU A N   1 
ATOM   140 C  CA  . GLU A 1 18 ? 3.800   -5.045  5.040   1.00 51.90 ? 18 GLU A CA  1 
ATOM   141 C  C   . GLU A 1 18 ? 5.023   -4.528  5.793   1.00 49.99 ? 18 GLU A C   1 
ATOM   142 O  O   . GLU A 1 18 ? 5.640   -5.258  6.573   1.00 51.37 ? 18 GLU A O   1 
ATOM   143 C  CB  . GLU A 1 18 ? 4.212   -5.566  3.659   1.00 56.05 ? 18 GLU A CB  1 
ATOM   144 C  CG  . GLU A 1 18 ? 5.185   -6.748  3.711   1.00 62.92 ? 18 GLU A CG  1 
ATOM   145 C  CD  . GLU A 1 18 ? 5.677   -7.178  2.337   1.00 65.56 ? 18 GLU A CD  1 
ATOM   146 O  OE1 . GLU A 1 18 ? 5.452   -6.431  1.359   1.00 64.77 ? 18 GLU A OE1 1 
ATOM   147 O  OE2 . GLU A 1 18 ? 6.292   -8.263  2.237   1.00 60.93 ? 18 GLU A OE2 1 
ATOM   148 N  N   . LEU A 1 19 ? 5.365   -3.265  5.559   1.00 64.35 ? 19 LEU A N   1 
ATOM   149 C  CA  . LEU A 1 19 ? 6.492   -2.637  6.238   1.00 64.07 ? 19 LEU A CA  1 
ATOM   150 C  C   . LEU A 1 19 ? 6.240   -2.558  7.738   1.00 63.97 ? 19 LEU A C   1 
ATOM   151 O  O   . LEU A 1 19 ? 7.138   -2.808  8.540   1.00 65.80 ? 19 LEU A O   1 
ATOM   152 C  CB  . LEU A 1 19 ? 6.751   -1.240  5.672   1.00 60.62 ? 19 LEU A CB  1 
ATOM   153 C  CG  . LEU A 1 19 ? 7.886   -0.447  6.321   1.00 55.05 ? 19 LEU A CG  1 
ATOM   154 C  CD1 . LEU A 1 19 ? 9.166   -1.266  6.351   1.00 59.20 ? 19 LEU A CD1 1 
ATOM   155 C  CD2 . LEU A 1 19 ? 8.103   0.860   5.579   1.00 48.45 ? 19 LEU A CD2 1 
ATOM   156 N  N   . TYR A 1 20 ? 5.013   -2.209  8.107   1.00 60.46 ? 20 TYR A N   1 
ATOM   157 C  CA  . TYR A 1 20 ? 4.605   -2.181  9.506   1.00 58.46 ? 20 TYR A CA  1 
ATOM   158 C  C   . TYR A 1 20 ? 4.787   -3.558  10.134  1.00 61.78 ? 20 TYR A C   1 
ATOM   159 O  O   . TYR A 1 20 ? 5.342   -3.687  11.225  1.00 64.51 ? 20 TYR A O   1 
ATOM   160 C  CB  . TYR A 1 20 ? 3.150   -1.722  9.628   1.00 60.57 ? 20 TYR A CB  1 
ATOM   161 C  CG  . TYR A 1 20 ? 2.635   -1.652  11.045  1.00 64.89 ? 20 TYR A CG  1 
ATOM   162 C  CD1 . TYR A 1 20 ? 2.829   -0.515  11.820  1.00 68.59 ? 20 TYR A CD1 1 
ATOM   163 C  CD2 . TYR A 1 20 ? 1.943   -2.717  11.607  1.00 72.79 ? 20 TYR A CD2 1 
ATOM   164 C  CE1 . TYR A 1 20 ? 2.356   -0.443  13.118  1.00 72.47 ? 20 TYR A CE1 1 
ATOM   165 C  CE2 . TYR A 1 20 ? 1.467   -2.656  12.903  1.00 78.93 ? 20 TYR A CE2 1 
ATOM   166 C  CZ  . TYR A 1 20 ? 1.676   -1.517  13.653  1.00 78.41 ? 20 TYR A CZ  1 
ATOM   167 O  OH  . TYR A 1 20 ? 1.204   -1.453  14.943  1.00 83.90 ? 20 TYR A OH  1 
ATOM   168 N  N   . ILE A 1 21 ? 4.319   -4.582  9.428   1.00 72.22 ? 21 ILE A N   1 
ATOM   169 C  CA  . ILE A 1 21 ? 4.472   -5.965  9.864   1.00 67.66 ? 21 ILE A CA  1 
ATOM   170 C  C   . ILE A 1 21 ? 5.945   -6.342  9.962   1.00 67.44 ? 21 ILE A C   1 
ATOM   171 O  O   . ILE A 1 21 ? 6.356   -7.038  10.891  1.00 74.37 ? 21 ILE A O   1 
ATOM   172 C  CB  . ILE A 1 21 ? 3.761   -6.938  8.902   1.00 68.76 ? 21 ILE A CB  1 
ATOM   173 C  CG1 . ILE A 1 21 ? 2.257   -6.649  8.867   1.00 71.44 ? 21 ILE A CG1 1 
ATOM   174 C  CG2 . ILE A 1 21 ? 4.026   -8.382  9.303   1.00 63.86 ? 21 ILE A CG2 1 
ATOM   175 C  CD1 . ILE A 1 21 ? 1.491   -7.483  7.857   1.00 72.17 ? 21 ILE A CD1 1 
ATOM   176 N  N   . ALA A 1 22 ? 6.736   -5.870  9.002   1.00 65.50 ? 22 ALA A N   1 
ATOM   177 C  CA  . ALA A 1 22 ? 8.172   -6.130  8.987   1.00 66.72 ? 22 ALA A CA  1 
ATOM   178 C  C   . ALA A 1 22 ? 8.865   -5.540  10.215  1.00 68.87 ? 22 ALA A C   1 
ATOM   179 O  O   . ALA A 1 22 ? 9.790   -6.141  10.764  1.00 67.87 ? 22 ALA A O   1 
ATOM   180 C  CB  . ALA A 1 22 ? 8.794   -5.578  7.713   1.00 65.76 ? 22 ALA A CB  1 
ATOM   181 N  N   . VAL A 1 23 ? 8.406   -4.366  10.646  1.00 70.59 ? 23 VAL A N   1 
ATOM   182 C  CA  . VAL A 1 23 ? 8.989   -3.685  11.800  1.00 69.48 ? 23 VAL A CA  1 
ATOM   183 C  C   . VAL A 1 23 ? 8.669   -4.380  13.121  1.00 68.20 ? 23 VAL A C   1 
ATOM   184 O  O   . VAL A 1 23 ? 9.573   -4.828  13.827  1.00 68.35 ? 23 VAL A O   1 
ATOM   185 C  CB  . VAL A 1 23 ? 8.507   -2.222  11.896  1.00 71.43 ? 23 VAL A CB  1 
ATOM   186 C  CG1 . VAL A 1 23 ? 8.984   -1.590  13.196  1.00 72.14 ? 23 VAL A CG1 1 
ATOM   187 C  CG2 . VAL A 1 23 ? 8.993   -1.420  10.701  1.00 67.71 ? 23 VAL A CG2 1 
ATOM   188 N  N   . ARG A 1 24 ? 7.382   -4.469  13.451  1.00 65.46 ? 24 ARG A N   1 
ATOM   189 C  CA  . ARG A 1 24 ? 6.959   -4.958  14.761  1.00 66.73 ? 24 ARG A CA  1 
ATOM   190 C  C   . ARG A 1 24 ? 7.231   -6.447  14.956  1.00 64.02 ? 24 ARG A C   1 
ATOM   191 O  O   . ARG A 1 24 ? 7.493   -6.894  16.071  1.00 69.05 ? 24 ARG A O   1 
ATOM   192 C  CB  . ARG A 1 24 ? 5.469   -4.672  14.980  1.00 66.37 ? 24 ARG A CB  1 
ATOM   193 C  CG  . ARG A 1 24 ? 4.963   -5.017  16.378  1.00 65.89 ? 24 ARG A CG  1 
ATOM   194 C  CD  . ARG A 1 24 ? 3.743   -4.186  16.751  1.00 70.93 ? 24 ARG A CD  1 
ATOM   195 N  NE  . ARG A 1 24 ? 2.660   -4.325  15.781  1.00 80.57 ? 24 ARG A NE  1 
ATOM   196 C  CZ  . ARG A 1 24 ? 1.625   -5.147  15.927  1.00 85.25 ? 24 ARG A CZ  1 
ATOM   197 N  NH1 . ARG A 1 24 ? 1.525   -5.911  17.008  1.00 83.33 1 24 ARG A NH1 1 
ATOM   198 N  NH2 . ARG A 1 24 ? 0.687   -5.209  14.990  1.00 84.58 ? 24 ARG A NH2 1 
ATOM   199 N  N   . TYR A 1 25 ? 7.180   -7.215  13.875  1.00 63.12 ? 25 TYR A N   1 
ATOM   200 C  CA  . TYR A 1 25 ? 7.364   -8.655  13.981  1.00 63.25 ? 25 TYR A CA  1 
ATOM   201 C  C   . TYR A 1 25 ? 8.555   -9.140  13.158  1.00 58.54 ? 25 TYR A C   1 
ATOM   202 O  O   . TYR A 1 25 ? 8.900   -10.321 13.188  1.00 61.18 ? 25 TYR A O   1 
ATOM   203 C  CB  . TYR A 1 25 ? 6.093   -9.383  13.544  1.00 66.80 ? 25 TYR A CB  1 
ATOM   204 C  CG  . TYR A 1 25 ? 4.857   -9.022  14.344  1.00 68.19 ? 25 TYR A CG  1 
ATOM   205 C  CD1 . TYR A 1 25 ? 4.717   -9.430  15.665  1.00 73.38 ? 25 TYR A CD1 1 
ATOM   206 C  CD2 . TYR A 1 25 ? 3.827   -8.286  13.773  1.00 63.48 ? 25 TYR A CD2 1 
ATOM   207 C  CE1 . TYR A 1 25 ? 3.584   -9.110  16.399  1.00 69.90 ? 25 TYR A CE1 1 
ATOM   208 C  CE2 . TYR A 1 25 ? 2.691   -7.958  14.499  1.00 64.78 ? 25 TYR A CE2 1 
ATOM   209 C  CZ  . TYR A 1 25 ? 2.575   -8.374  15.811  1.00 70.09 ? 25 TYR A CZ  1 
ATOM   210 O  OH  . TYR A 1 25 ? 1.451   -8.056  16.541  1.00 75.10 ? 25 TYR A OH  1 
HETATM 211 N  N   . NH2 A 1 26 ? 9.181   -8.221  12.429  1.00 58.05 ? 26 NH2 A N   1 
# 
